data_6MX8
#
_entry.id   6MX8
#
_cell.length_a   51.891
_cell.length_b   57.502
_cell.length_c   103.986
_cell.angle_alpha   90.000
_cell.angle_beta   90.000
_cell.angle_gamma   90.000
#
_symmetry.space_group_name_H-M   'P 21 21 21'
#
loop_
_entity.id
_entity.type
_entity.pdbx_description
1 polymer 'ALK tyrosine kinase receptor'
2 non-polymer 5-chloro-N~4~-[2-(dimethylphosphoryl)phenyl]-N~2~-{2-methoxy-4-[4-(4-methylpiperazin-1-yl)piperidin-1-yl]phenyl}pyrimidine-2,4-diamine
3 water water
#
_entity_poly.entity_id   1
_entity_poly.type   'polypeptide(L)'
_entity_poly.pdbx_seq_one_letter_code
;PNYCFAGKTSSISDLKEVPRKNITLIRGLGHGAFGEVYEGQVSGMPNDPSPLQVAVKTLPEVCSEQDELDFLMEALIISK
FNHQNIVRCIGVSLQSLPRFILLELMAGGDLKSFLRETRPRPSQPSSLAMLDLLHVARDIACGCQYLEENHFIHRDIAAR
NCLLTCPGPGRVAKIGDFGMARDIYRASYYRKGGCAMLPVKWMPPEAFMEGIFTSKTDTWSFGVLLWEIFSLGYMPYPSK
SNQEVLEFVTSGGRMDPPKNCPGPVYRIMTQCWQHQPEDRPNFAIILERIEYCTQDPDVINTALPIE
;
_entity_poly.pdbx_strand_id   A
#
loop_
_chem_comp.id
_chem_comp.type
_chem_comp.name
_chem_comp.formula
6GY non-polymer 5-chloro-N~4~-[2-(dimethylphosphoryl)phenyl]-N~2~-{2-methoxy-4-[4-(4-methylpiperazin-1-yl)piperidin-1-yl]phenyl}pyrimidine-2,4-diamine 'C29 H39 Cl N7 O2 P'
#
# COMPACT_ATOMS: atom_id res chain seq x y z
N PRO A 1 -25.82 0.62 -5.53
CA PRO A 1 -24.53 1.01 -6.11
C PRO A 1 -23.86 -0.11 -6.91
N ASN A 2 -23.42 0.22 -8.12
CA ASN A 2 -22.73 -0.72 -9.01
C ASN A 2 -21.22 -0.42 -9.01
N TYR A 3 -20.42 -1.40 -9.44
CA TYR A 3 -18.95 -1.26 -9.55
C TYR A 3 -18.44 -2.18 -10.67
N CYS A 4 -17.59 -1.65 -11.57
CA CYS A 4 -17.06 -2.46 -12.67
C CYS A 4 -15.54 -2.55 -12.55
N PHE A 5 -15.00 -3.73 -12.85
CA PHE A 5 -13.59 -4.00 -12.85
C PHE A 5 -13.34 -5.20 -13.78
N ALA A 6 -12.23 -5.16 -14.53
CA ALA A 6 -11.87 -6.25 -15.43
C ALA A 6 -13.06 -6.62 -16.33
N GLY A 7 -13.81 -5.60 -16.76
CA GLY A 7 -14.99 -5.76 -17.65
C GLY A 7 -16.15 -6.55 -17.09
N LYS A 8 -16.32 -6.57 -15.76
CA LYS A 8 -17.53 -7.14 -15.14
C LYS A 8 -18.08 -6.13 -14.13
N THR A 9 -19.42 -6.05 -14.06
CA THR A 9 -20.09 -5.18 -13.13
C THR A 9 -20.57 -6.03 -11.96
N SER A 10 -20.46 -5.48 -10.75
CA SER A 10 -20.91 -6.14 -9.53
CA SER A 10 -20.92 -6.14 -9.54
C SER A 10 -21.68 -5.14 -8.67
N SER A 11 -22.51 -5.67 -7.77
CA SER A 11 -23.23 -4.90 -6.79
C SER A 11 -23.20 -5.67 -5.47
N ILE A 12 -23.76 -5.05 -4.42
CA ILE A 12 -23.79 -5.64 -3.06
C ILE A 12 -24.22 -7.10 -3.09
N SER A 13 -25.24 -7.42 -3.90
CA SER A 13 -25.80 -8.76 -3.97
C SER A 13 -24.72 -9.82 -4.29
N ASP A 14 -23.65 -9.43 -5.00
CA ASP A 14 -22.59 -10.36 -5.41
C ASP A 14 -21.54 -10.59 -4.30
N LEU A 15 -21.53 -9.78 -3.24
CA LEU A 15 -20.63 -10.00 -2.12
C LEU A 15 -21.09 -11.23 -1.31
N LYS A 16 -20.13 -11.90 -0.70
CA LYS A 16 -20.35 -13.09 0.08
C LYS A 16 -20.74 -12.65 1.50
N GLU A 17 -22.04 -12.76 1.82
CA GLU A 17 -22.55 -12.38 3.16
C GLU A 17 -22.28 -13.55 4.10
N VAL A 18 -21.51 -13.29 5.15
CA VAL A 18 -21.21 -14.26 6.19
C VAL A 18 -22.19 -14.05 7.34
N PRO A 19 -22.87 -15.10 7.83
CA PRO A 19 -23.77 -14.98 9.00
C PRO A 19 -23.05 -14.35 10.19
N ARG A 20 -23.70 -13.36 10.83
CA ARG A 20 -23.08 -12.60 11.91
C ARG A 20 -22.72 -13.55 13.05
N LYS A 21 -23.55 -14.57 13.25
CA LYS A 21 -23.36 -15.57 14.30
C LYS A 21 -22.02 -16.33 14.10
N ASN A 22 -21.47 -16.34 12.89
CA ASN A 22 -20.25 -17.11 12.62
C ASN A 22 -18.99 -16.24 12.80
N ILE A 23 -19.16 -14.99 13.23
CA ILE A 23 -18.04 -14.06 13.35
C ILE A 23 -17.77 -13.73 14.82
N THR A 24 -16.51 -13.93 15.24
CA THR A 24 -16.04 -13.65 16.60
C THR A 24 -14.89 -12.63 16.56
N LEU A 25 -15.07 -11.49 17.24
CA LEU A 25 -14.01 -10.47 17.42
C LEU A 25 -13.08 -10.88 18.56
N ILE A 26 -11.77 -10.67 18.37
CA ILE A 26 -10.75 -11.15 19.33
C ILE A 26 -10.00 -9.98 19.99
N ARG A 27 -9.52 -9.01 19.18
CA ARG A 27 -8.75 -7.87 19.69
C ARG A 27 -8.72 -6.76 18.62
N GLY A 28 -8.54 -5.51 19.07
CA GLY A 28 -8.26 -4.33 18.23
C GLY A 28 -6.87 -4.37 17.60
N LEU A 29 -6.73 -3.79 16.40
CA LEU A 29 -5.46 -3.74 15.65
C LEU A 29 -5.06 -2.31 15.27
N GLY A 30 -6.03 -1.42 15.04
CA GLY A 30 -5.73 0.00 14.79
C GLY A 30 -6.91 0.72 14.15
N HIS A 31 -6.68 1.96 13.70
CA HIS A 31 -7.70 2.75 13.00
C HIS A 31 -7.46 2.69 11.48
N GLY A 35 -12.39 3.93 10.15
CA GLY A 35 -12.94 3.15 11.27
C GLY A 35 -11.86 2.35 11.98
N GLU A 36 -12.30 1.38 12.81
CA GLU A 36 -11.43 0.48 13.57
C GLU A 36 -11.36 -0.88 12.86
N VAL A 37 -10.24 -1.60 13.09
CA VAL A 37 -9.97 -2.93 12.56
C VAL A 37 -9.71 -3.87 13.74
N TYR A 38 -10.28 -5.07 13.70
CA TYR A 38 -10.09 -6.09 14.72
C TYR A 38 -9.50 -7.36 14.12
N GLU A 39 -8.82 -8.15 14.94
CA GLU A 39 -8.61 -9.57 14.68
C GLU A 39 -9.94 -10.29 14.96
N GLY A 40 -10.24 -11.32 14.16
CA GLY A 40 -11.50 -12.03 14.27
C GLY A 40 -11.37 -13.48 13.82
N GLN A 41 -12.46 -14.22 14.02
CA GLN A 41 -12.59 -15.61 13.61
C GLN A 41 -13.93 -15.82 12.90
N VAL A 42 -13.88 -16.63 11.83
CA VAL A 42 -15.04 -17.11 11.11
C VAL A 42 -15.06 -18.64 11.17
N SER A 43 -16.19 -19.21 11.63
CA SER A 43 -16.34 -20.66 11.84
C SER A 43 -16.58 -21.38 10.51
N PRO A 51 -11.56 -23.04 11.86
CA PRO A 51 -11.90 -21.62 12.03
C PRO A 51 -10.90 -20.70 11.30
N LEU A 52 -11.42 -19.80 10.44
CA LEU A 52 -10.59 -18.86 9.67
C LEU A 52 -10.28 -17.60 10.51
N GLN A 53 -8.99 -17.26 10.58
CA GLN A 53 -8.51 -16.01 11.14
C GLN A 53 -8.72 -14.89 10.12
N VAL A 54 -9.33 -13.80 10.55
CA VAL A 54 -9.60 -12.68 9.67
C VAL A 54 -9.26 -11.38 10.40
N ALA A 55 -9.10 -10.32 9.59
CA ALA A 55 -9.20 -8.95 10.01
C ALA A 55 -10.60 -8.46 9.65
N VAL A 56 -11.15 -7.64 10.54
CA VAL A 56 -12.53 -7.18 10.49
C VAL A 56 -12.49 -5.66 10.50
N LYS A 57 -12.86 -5.06 9.37
CA LYS A 57 -13.06 -3.61 9.28
C LYS A 57 -14.52 -3.32 9.59
N THR A 58 -14.75 -2.39 10.52
CA THR A 58 -16.07 -2.08 11.01
C THR A 58 -16.46 -0.67 10.54
N LEU A 59 -17.75 -0.49 10.33
CA LEU A 59 -18.35 0.78 10.06
C LEU A 59 -19.03 1.27 11.35
N PRO A 60 -18.67 2.45 11.87
CA PRO A 60 -19.41 3.05 12.98
C PRO A 60 -20.90 3.13 12.64
N GLU A 61 -21.74 2.70 13.58
CA GLU A 61 -23.20 2.66 13.42
C GLU A 61 -23.72 4.09 13.27
N VAL A 62 -23.05 5.02 13.96
CA VAL A 62 -23.28 6.44 13.85
C VAL A 62 -22.42 6.97 12.71
N CYS A 63 -23.03 7.15 11.52
CA CYS A 63 -22.28 7.56 10.35
C CYS A 63 -23.24 8.13 9.28
N SER A 64 -22.67 8.89 8.35
CA SER A 64 -23.44 9.54 7.31
C SER A 64 -23.87 8.49 6.28
N GLU A 65 -24.75 8.89 5.36
CA GLU A 65 -25.14 8.04 4.25
C GLU A 65 -23.94 7.83 3.32
N GLN A 66 -23.10 8.86 3.20
CA GLN A 66 -21.94 8.80 2.31
C GLN A 66 -20.86 7.88 2.90
N ASP A 67 -20.81 7.80 4.24
CA ASP A 67 -19.91 6.89 4.94
C ASP A 67 -20.29 5.44 4.60
N GLU A 68 -21.60 5.13 4.70
CA GLU A 68 -22.21 3.85 4.35
C GLU A 68 -21.84 3.46 2.92
N LEU A 69 -21.98 4.40 1.98
CA LEU A 69 -21.74 4.14 0.56
C LEU A 69 -20.23 3.90 0.33
N ASP A 70 -19.38 4.70 0.99
CA ASP A 70 -17.92 4.58 0.93
C ASP A 70 -17.51 3.17 1.35
N PHE A 71 -18.15 2.65 2.41
CA PHE A 71 -17.86 1.36 2.99
C PHE A 71 -18.25 0.25 2.01
N LEU A 72 -19.43 0.37 1.42
CA LEU A 72 -19.92 -0.55 0.42
C LEU A 72 -18.93 -0.65 -0.76
N MET A 73 -18.49 0.51 -1.21
CA MET A 73 -17.66 0.58 -2.37
C MET A 73 -16.32 -0.10 -2.08
N GLU A 74 -15.74 0.18 -0.91
CA GLU A 74 -14.48 -0.46 -0.51
C GLU A 74 -14.65 -1.99 -0.52
N ALA A 75 -15.81 -2.49 -0.05
CA ALA A 75 -16.09 -3.93 -0.08
C ALA A 75 -16.11 -4.46 -1.54
N LEU A 76 -16.77 -3.76 -2.46
CA LEU A 76 -16.86 -4.23 -3.86
C LEU A 76 -15.47 -4.20 -4.54
N ILE A 77 -14.71 -3.16 -4.28
CA ILE A 77 -13.41 -2.97 -4.90
C ILE A 77 -12.50 -4.13 -4.50
N ILE A 78 -12.34 -4.33 -3.19
CA ILE A 78 -11.40 -5.35 -2.70
C ILE A 78 -11.88 -6.75 -3.11
N SER A 79 -13.19 -7.01 -3.08
CA SER A 79 -13.77 -8.31 -3.46
C SER A 79 -13.50 -8.68 -4.92
N LYS A 80 -13.37 -7.71 -5.82
CA LYS A 80 -13.24 -8.04 -7.25
C LYS A 80 -11.78 -8.21 -7.66
N PHE A 81 -10.82 -7.83 -6.80
CA PHE A 81 -9.41 -8.09 -7.12
C PHE A 81 -9.08 -9.57 -6.94
N ASN A 82 -8.15 -10.07 -7.76
CA ASN A 82 -7.67 -11.43 -7.65
C ASN A 82 -6.17 -11.48 -7.92
N HIS A 83 -5.37 -11.20 -6.88
CA HIS A 83 -3.92 -11.17 -7.02
C HIS A 83 -3.27 -11.47 -5.67
N GLN A 84 -2.12 -12.13 -5.72
CA GLN A 84 -1.41 -12.60 -4.51
C GLN A 84 -0.86 -11.43 -3.69
N ASN A 85 -0.64 -10.25 -4.31
CA ASN A 85 -0.10 -9.12 -3.55
C ASN A 85 -1.16 -8.06 -3.30
N ILE A 86 -2.44 -8.48 -3.34
CA ILE A 86 -3.57 -7.70 -2.86
C ILE A 86 -4.36 -8.53 -1.83
N VAL A 87 -4.62 -7.90 -0.69
CA VAL A 87 -5.29 -8.52 0.44
C VAL A 87 -6.61 -9.12 -0.04
N ARG A 88 -6.89 -10.36 0.37
CA ARG A 88 -8.12 -11.04 -0.01
C ARG A 88 -9.24 -10.53 0.89
N CYS A 89 -10.43 -10.47 0.31
CA CYS A 89 -11.67 -10.28 1.04
C CYS A 89 -12.32 -11.64 1.24
N ILE A 90 -12.47 -12.04 2.50
CA ILE A 90 -13.10 -13.32 2.88
C ILE A 90 -14.61 -13.22 2.68
N GLY A 91 -15.17 -12.06 2.98
CA GLY A 91 -16.57 -11.77 2.75
C GLY A 91 -16.97 -10.50 3.48
N VAL A 92 -18.28 -10.32 3.67
CA VAL A 92 -18.81 -9.18 4.35
C VAL A 92 -19.89 -9.66 5.32
N SER A 93 -20.22 -8.79 6.28
CA SER A 93 -21.43 -8.93 7.08
C SER A 93 -22.11 -7.57 7.17
N LEU A 94 -22.90 -7.24 6.14
CA LEU A 94 -23.47 -5.91 5.93
C LEU A 94 -24.92 -5.84 6.42
N GLN A 95 -25.50 -6.99 6.79
CA GLN A 95 -26.94 -7.08 7.11
C GLN A 95 -27.18 -7.02 8.63
N SER A 96 -26.11 -6.91 9.41
CA SER A 96 -26.21 -6.62 10.83
C SER A 96 -25.29 -5.45 11.14
N LEU A 97 -25.57 -4.77 12.26
CA LEU A 97 -24.83 -3.59 12.65
C LEU A 97 -24.01 -3.94 13.89
N PRO A 98 -22.80 -3.39 13.98
CA PRO A 98 -22.15 -2.63 12.93
C PRO A 98 -21.75 -3.51 11.73
N ARG A 99 -21.62 -2.88 10.58
CA ARG A 99 -21.28 -3.53 9.33
C ARG A 99 -19.81 -3.96 9.35
N PHE A 100 -19.52 -5.14 8.78
CA PHE A 100 -18.18 -5.68 8.74
C PHE A 100 -17.79 -6.00 7.30
N ILE A 101 -16.50 -5.78 7.02
CA ILE A 101 -15.78 -6.34 5.88
C ILE A 101 -14.73 -7.28 6.46
N LEU A 102 -14.67 -8.50 5.92
CA LEU A 102 -13.75 -9.53 6.42
C LEU A 102 -12.60 -9.67 5.43
N LEU A 103 -11.39 -9.45 5.93
CA LEU A 103 -10.19 -9.45 5.14
C LEU A 103 -9.22 -10.49 5.69
N GLU A 104 -8.36 -10.95 4.78
CA GLU A 104 -7.21 -11.73 5.11
C GLU A 104 -6.46 -11.09 6.28
N LEU A 105 -6.18 -11.88 7.32
CA LEU A 105 -5.40 -11.38 8.46
C LEU A 105 -3.93 -11.31 8.07
N MET A 106 -3.34 -10.13 8.17
CA MET A 106 -1.97 -9.92 7.83
C MET A 106 -1.19 -9.75 9.14
N ALA A 107 -0.64 -10.87 9.62
CA ALA A 107 -0.10 -10.98 11.00
C ALA A 107 1.18 -10.14 11.20
N GLY A 108 1.85 -9.77 10.09
CA GLY A 108 3.03 -8.95 10.15
C GLY A 108 2.70 -7.48 10.37
N GLY A 109 1.43 -7.11 10.25
CA GLY A 109 0.98 -5.72 10.40
C GLY A 109 1.22 -4.88 9.16
N ASP A 110 0.99 -3.56 9.31
CA ASP A 110 1.28 -2.55 8.30
C ASP A 110 2.79 -2.40 8.18
N LEU A 111 3.22 -2.08 6.96
CA LEU A 111 4.61 -2.09 6.59
C LEU A 111 5.36 -0.96 7.30
N LYS A 112 4.70 0.18 7.44
CA LYS A 112 5.28 1.35 8.09
C LYS A 112 5.70 1.00 9.52
N SER A 113 4.77 0.39 10.29
CA SER A 113 5.04 -0.04 11.67
C SER A 113 6.10 -1.13 11.68
N PHE A 114 5.98 -2.09 10.75
CA PHE A 114 6.93 -3.20 10.66
C PHE A 114 8.34 -2.65 10.46
N LEU A 115 8.52 -1.73 9.51
CA LEU A 115 9.82 -1.17 9.24
C LEU A 115 10.39 -0.50 10.51
N ARG A 116 9.57 0.31 11.17
CA ARG A 116 10.00 1.07 12.33
C ARG A 116 10.39 0.13 13.47
N GLU A 117 9.58 -0.90 13.69
CA GLU A 117 9.73 -1.79 14.81
C GLU A 117 10.82 -2.84 14.54
N THR A 118 11.13 -3.15 13.28
CA THR A 118 12.10 -4.22 12.95
C THR A 118 13.44 -3.62 12.46
N ARG A 119 13.63 -2.30 12.63
CA ARG A 119 14.91 -1.62 12.41
C ARG A 119 16.03 -2.36 13.14
N PRO A 120 17.13 -2.72 12.45
CA PRO A 120 18.31 -3.25 13.13
C PRO A 120 18.73 -2.38 14.33
N ARG A 121 18.81 -3.02 15.51
CA ARG A 121 19.33 -2.44 16.75
C ARG A 121 20.43 -3.36 17.25
N PRO A 122 21.37 -2.87 18.10
CA PRO A 122 22.47 -3.71 18.60
C PRO A 122 21.95 -4.83 19.52
N PRO A 125 20.90 -7.43 15.83
CA PRO A 125 21.68 -6.74 14.80
C PRO A 125 21.21 -7.01 13.37
N SER A 126 20.73 -8.24 13.08
CA SER A 126 20.30 -8.68 11.74
C SER A 126 18.82 -9.06 11.75
N SER A 127 18.00 -8.13 12.23
CA SER A 127 16.54 -8.28 12.19
C SER A 127 16.03 -8.19 10.74
N LEU A 128 16.74 -7.41 9.91
CA LEU A 128 16.43 -7.21 8.52
C LEU A 128 17.73 -7.12 7.74
N ALA A 129 17.63 -7.48 6.45
CA ALA A 129 18.69 -7.29 5.52
C ALA A 129 18.11 -6.67 4.26
N MET A 130 19.00 -6.19 3.38
CA MET A 130 18.66 -5.54 2.12
C MET A 130 17.71 -6.41 1.29
N LEU A 131 17.89 -7.74 1.30
CA LEU A 131 17.06 -8.63 0.44
C LEU A 131 15.61 -8.65 0.94
N ASP A 132 15.43 -8.59 2.25
CA ASP A 132 14.10 -8.48 2.80
C ASP A 132 13.39 -7.27 2.20
N LEU A 133 14.12 -6.14 2.13
CA LEU A 133 13.56 -4.87 1.66
C LEU A 133 13.19 -4.96 0.17
N LEU A 134 14.09 -5.54 -0.62
CA LEU A 134 13.88 -5.73 -2.05
C LEU A 134 12.71 -6.68 -2.31
N HIS A 135 12.52 -7.68 -1.46
CA HIS A 135 11.39 -8.60 -1.61
C HIS A 135 10.06 -7.88 -1.36
N VAL A 136 10.00 -7.05 -0.32
CA VAL A 136 8.81 -6.22 -0.07
C VAL A 136 8.53 -5.32 -1.29
N ALA A 137 9.55 -4.60 -1.77
CA ALA A 137 9.40 -3.73 -2.94
C ALA A 137 8.90 -4.52 -4.15
N ARG A 138 9.45 -5.71 -4.36
CA ARG A 138 9.03 -6.55 -5.50
C ARG A 138 7.54 -6.89 -5.38
N ASP A 139 7.15 -7.40 -4.21
CA ASP A 139 5.76 -7.81 -3.91
C ASP A 139 4.79 -6.66 -4.21
N ILE A 140 5.10 -5.45 -3.73
CA ILE A 140 4.19 -4.34 -3.92
C ILE A 140 4.17 -3.94 -5.41
N ALA A 141 5.34 -3.93 -6.04
CA ALA A 141 5.39 -3.62 -7.46
C ALA A 141 4.57 -4.63 -8.27
N CYS A 142 4.55 -5.92 -7.90
CA CYS A 142 3.75 -6.93 -8.60
C CYS A 142 2.26 -6.62 -8.46
N GLY A 143 1.85 -6.26 -7.24
CA GLY A 143 0.52 -5.74 -6.91
C GLY A 143 0.14 -4.55 -7.80
N CYS A 144 1.03 -3.57 -7.87
CA CYS A 144 0.80 -2.35 -8.68
C CYS A 144 0.71 -2.67 -10.17
N GLN A 145 1.52 -3.63 -10.64
CA GLN A 145 1.51 -4.04 -12.07
C GLN A 145 0.16 -4.64 -12.42
N TYR A 146 -0.39 -5.46 -11.50
CA TYR A 146 -1.71 -6.03 -11.63
C TYR A 146 -2.77 -4.92 -11.69
N LEU A 147 -2.65 -3.91 -10.83
CA LEU A 147 -3.61 -2.78 -10.90
C LEU A 147 -3.48 -2.08 -12.26
N GLU A 148 -2.26 -1.73 -12.66
CA GLU A 148 -1.98 -0.98 -13.89
C GLU A 148 -2.54 -1.75 -15.11
N GLU A 149 -2.29 -3.06 -15.17
CA GLU A 149 -2.80 -3.93 -16.27
C GLU A 149 -4.32 -3.94 -16.32
N ASN A 150 -4.97 -3.71 -15.18
CA ASN A 150 -6.41 -3.74 -15.10
C ASN A 150 -6.96 -2.32 -15.05
N HIS A 151 -6.11 -1.31 -15.34
CA HIS A 151 -6.54 0.09 -15.48
C HIS A 151 -7.13 0.65 -14.17
N PHE A 152 -6.61 0.18 -13.03
CA PHE A 152 -7.03 0.65 -11.74
C PHE A 152 -5.93 1.58 -11.19
N ILE A 153 -6.30 2.82 -10.86
CA ILE A 153 -5.39 3.77 -10.26
C ILE A 153 -5.61 3.82 -8.74
N HIS A 154 -4.56 3.49 -8.00
CA HIS A 154 -4.65 3.34 -6.56
C HIS A 154 -4.79 4.71 -5.87
N ARG A 155 -3.90 5.64 -6.22
CA ARG A 155 -3.89 7.07 -5.80
C ARG A 155 -3.20 7.26 -4.43
N ASP A 156 -2.80 6.19 -3.74
CA ASP A 156 -2.24 6.36 -2.38
C ASP A 156 -1.32 5.19 -2.02
N ILE A 157 -0.39 4.88 -2.94
CA ILE A 157 0.62 3.87 -2.70
C ILE A 157 1.58 4.45 -1.65
N ALA A 158 1.69 3.77 -0.51
CA ALA A 158 2.41 4.31 0.64
C ALA A 158 2.54 3.17 1.64
N ALA A 159 3.57 3.23 2.47
CA ALA A 159 3.90 2.14 3.35
C ALA A 159 2.74 1.87 4.35
N ARG A 160 2.02 2.92 4.77
CA ARG A 160 0.86 2.77 5.74
C ARG A 160 -0.30 1.96 5.11
N ASN A 161 -0.30 1.77 3.79
CA ASN A 161 -1.41 1.11 3.09
C ASN A 161 -1.00 -0.31 2.66
N CYS A 162 0.22 -0.73 3.02
CA CYS A 162 0.74 -2.06 2.72
C CYS A 162 0.84 -2.91 3.99
N LEU A 163 0.68 -4.22 3.84
CA LEU A 163 0.62 -5.17 4.97
C LEU A 163 1.53 -6.37 4.67
N LEU A 164 1.95 -7.03 5.75
CA LEU A 164 2.77 -8.21 5.71
C LEU A 164 2.01 -9.38 6.31
N THR A 165 2.10 -10.53 5.65
CA THR A 165 1.42 -11.76 6.07
C THR A 165 1.94 -12.21 7.43
N CYS A 166 3.25 -12.12 7.64
CA CYS A 166 3.84 -12.59 8.89
C CYS A 166 5.07 -11.77 9.24
N PRO A 167 5.46 -11.68 10.53
CA PRO A 167 6.63 -10.89 10.93
C PRO A 167 7.96 -11.45 10.42
N GLY A 168 8.07 -12.79 10.41
CA GLY A 168 9.33 -13.47 10.16
C GLY A 168 9.62 -13.62 8.67
N PRO A 169 10.67 -14.40 8.30
CA PRO A 169 10.99 -14.64 6.91
C PRO A 169 9.87 -15.46 6.23
N GLY A 170 9.82 -15.35 4.90
CA GLY A 170 8.71 -15.87 4.10
C GLY A 170 7.54 -14.89 4.04
N ARG A 171 7.68 -13.75 4.70
CA ARG A 171 6.61 -12.74 4.71
C ARG A 171 6.32 -12.32 3.27
N VAL A 172 5.04 -12.07 3.00
CA VAL A 172 4.61 -11.51 1.71
C VAL A 172 3.97 -10.16 1.98
N ALA A 173 4.39 -9.15 1.21
CA ALA A 173 3.79 -7.82 1.28
C ALA A 173 2.62 -7.74 0.29
N LYS A 174 1.57 -6.99 0.69
CA LYS A 174 0.37 -6.81 -0.12
C LYS A 174 -0.20 -5.41 0.09
N ILE A 175 -0.90 -4.95 -0.95
CA ILE A 175 -1.61 -3.71 -0.88
C ILE A 175 -2.93 -4.01 -0.17
N GLY A 176 -3.21 -3.21 0.87
CA GLY A 176 -4.23 -3.49 1.88
C GLY A 176 -5.42 -2.55 1.89
N ASP A 177 -5.19 -1.25 1.67
CA ASP A 177 -6.22 -0.20 1.79
C ASP A 177 -6.41 0.46 0.42
N PHE A 178 -7.68 0.70 0.09
CA PHE A 178 -8.14 1.26 -1.16
C PHE A 178 -9.07 2.45 -0.91
N GLY A 179 -8.91 3.13 0.24
CA GLY A 179 -9.76 4.25 0.67
C GLY A 179 -9.73 5.46 -0.26
N MET A 180 -8.55 5.83 -0.77
CA MET A 180 -8.39 6.97 -1.68
C MET A 180 -9.05 6.68 -3.03
N ALA A 181 -8.96 5.45 -3.52
CA ALA A 181 -9.60 5.04 -4.79
C ALA A 181 -11.11 4.93 -4.57
N CYS A 195 -8.12 18.80 1.38
CA CYS A 195 -6.89 19.43 0.93
C CYS A 195 -5.76 19.13 1.92
N ALA A 196 -5.99 19.48 3.20
CA ALA A 196 -5.02 19.22 4.27
C ALA A 196 -4.92 17.72 4.57
N MET A 197 -5.82 16.91 4.00
CA MET A 197 -5.79 15.45 4.16
C MET A 197 -5.20 14.76 2.93
N LEU A 198 -4.86 15.51 1.89
CA LEU A 198 -4.34 14.93 0.66
C LEU A 198 -2.90 14.47 0.91
N PRO A 199 -2.47 13.28 0.41
CA PRO A 199 -1.12 12.78 0.67
C PRO A 199 -0.14 13.36 -0.35
N VAL A 200 0.07 14.67 -0.21
CA VAL A 200 0.91 15.52 -1.06
C VAL A 200 2.28 14.89 -1.27
N LYS A 201 2.83 14.28 -0.21
CA LYS A 201 4.21 13.82 -0.21
C LYS A 201 4.39 12.56 -1.06
N TRP A 202 3.31 11.98 -1.54
CA TRP A 202 3.33 10.77 -2.36
C TRP A 202 2.88 11.10 -3.79
N MET A 203 2.66 12.37 -4.10
CA MET A 203 1.93 12.70 -5.32
C MET A 203 2.82 13.46 -6.27
N PRO A 204 2.73 13.16 -7.58
CA PRO A 204 3.50 13.88 -8.58
C PRO A 204 2.89 15.24 -8.89
N PRO A 205 3.66 16.15 -9.50
CA PRO A 205 3.17 17.50 -9.86
C PRO A 205 1.81 17.58 -10.56
N GLU A 206 1.58 16.75 -11.58
CA GLU A 206 0.35 16.87 -12.37
C GLU A 206 -0.86 16.38 -11.57
N ALA A 207 -0.65 15.54 -10.53
CA ALA A 207 -1.71 15.12 -9.61
C ALA A 207 -2.09 16.28 -8.67
N PHE A 208 -1.12 16.82 -7.94
CA PHE A 208 -1.52 17.84 -6.95
C PHE A 208 -1.82 19.18 -7.65
N MET A 209 -1.30 19.41 -8.85
CA MET A 209 -1.54 20.69 -9.54
C MET A 209 -2.86 20.66 -10.34
N GLU A 210 -3.07 19.58 -11.13
CA GLU A 210 -4.13 19.55 -12.15
C GLU A 210 -5.22 18.53 -11.78
N GLY A 211 -4.99 17.70 -10.77
CA GLY A 211 -5.83 16.57 -10.46
C GLY A 211 -5.93 15.58 -11.60
N ILE A 212 -4.86 15.45 -12.40
CA ILE A 212 -4.69 14.38 -13.39
C ILE A 212 -4.08 13.16 -12.72
N PHE A 213 -4.83 12.04 -12.73
CA PHE A 213 -4.38 10.76 -12.28
C PHE A 213 -4.33 9.78 -13.45
N THR A 214 -3.22 9.03 -13.53
CA THR A 214 -2.95 7.99 -14.51
C THR A 214 -2.16 6.89 -13.79
N SER A 215 -1.77 5.84 -14.50
CA SER A 215 -0.92 4.80 -13.88
C SER A 215 0.48 5.35 -13.60
N LYS A 216 0.85 6.47 -14.25
CA LYS A 216 2.15 7.06 -13.99
C LYS A 216 2.11 7.83 -12.66
N THR A 217 0.90 8.09 -12.15
CA THR A 217 0.71 8.67 -10.83
C THR A 217 1.18 7.65 -9.78
N ASP A 218 0.76 6.39 -9.97
CA ASP A 218 1.08 5.32 -9.07
C ASP A 218 2.60 5.07 -9.12
N THR A 219 3.23 5.23 -10.29
CA THR A 219 4.67 5.06 -10.43
C THR A 219 5.40 6.04 -9.50
N TRP A 220 4.99 7.31 -9.54
CA TRP A 220 5.63 8.31 -8.70
C TRP A 220 5.52 7.90 -7.22
N SER A 221 4.31 7.56 -6.78
CA SER A 221 4.04 7.16 -5.37
C SER A 221 4.91 5.95 -4.97
N PHE A 222 5.01 4.98 -5.89
CA PHE A 222 5.88 3.82 -5.70
C PHE A 222 7.33 4.24 -5.40
N GLY A 223 7.85 5.24 -6.11
CA GLY A 223 9.16 5.79 -5.82
C GLY A 223 9.28 6.27 -4.37
N VAL A 224 8.23 6.92 -3.88
CA VAL A 224 8.24 7.43 -2.54
C VAL A 224 8.17 6.25 -1.58
N LEU A 225 7.36 5.21 -1.92
CA LEU A 225 7.29 4.03 -1.05
C LEU A 225 8.67 3.36 -0.96
N LEU A 226 9.38 3.23 -2.07
CA LEU A 226 10.74 2.69 -2.09
C LEU A 226 11.59 3.44 -1.06
N TRP A 227 11.51 4.77 -1.07
CA TRP A 227 12.27 5.59 -0.13
C TRP A 227 11.86 5.23 1.30
N GLU A 228 10.56 5.11 1.55
CA GLU A 228 10.07 4.71 2.86
C GLU A 228 10.67 3.35 3.25
N ILE A 229 10.66 2.41 2.32
CA ILE A 229 11.18 1.06 2.59
C ILE A 229 12.68 1.14 2.94
N PHE A 230 13.46 1.78 2.08
CA PHE A 230 14.92 1.74 2.23
C PHE A 230 15.38 2.71 3.33
N SER A 231 14.54 3.65 3.77
CA SER A 231 14.82 4.48 4.97
C SER A 231 14.45 3.74 6.28
N LEU A 232 13.75 2.60 6.17
CA LEU A 232 13.25 1.82 7.32
C LEU A 232 12.16 2.60 8.07
N GLY A 233 11.26 3.22 7.31
CA GLY A 233 10.02 3.68 7.84
C GLY A 233 10.04 5.14 8.26
N TYR A 234 10.95 5.96 7.70
CA TYR A 234 10.94 7.41 7.93
C TYR A 234 9.84 8.04 7.09
N MET A 235 9.31 9.14 7.62
CA MET A 235 8.45 10.07 6.93
C MET A 235 9.23 10.66 5.76
N PRO A 236 8.67 10.62 4.54
CA PRO A 236 9.29 11.32 3.39
C PRO A 236 9.49 12.82 3.62
N TYR A 237 10.50 13.39 2.94
CA TYR A 237 10.87 14.81 2.98
C TYR A 237 10.93 15.26 4.43
N PRO A 238 11.83 14.66 5.24
CA PRO A 238 11.71 14.64 6.70
C PRO A 238 11.16 15.88 7.43
N SER A 239 11.75 17.05 7.13
CA SER A 239 11.54 18.26 7.91
C SER A 239 10.58 19.23 7.19
N LYS A 240 10.03 18.81 6.07
CA LYS A 240 9.26 19.71 5.23
C LYS A 240 7.78 19.52 5.50
N SER A 241 7.02 20.62 5.50
CA SER A 241 5.59 20.58 5.48
C SER A 241 5.07 20.26 4.06
N ASN A 242 3.75 20.07 3.99
CA ASN A 242 3.08 19.76 2.75
C ASN A 242 3.38 20.83 1.69
N GLN A 243 3.17 22.11 2.02
CA GLN A 243 3.38 23.20 1.04
C GLN A 243 4.85 23.24 0.64
N GLU A 244 5.75 23.05 1.60
CA GLU A 244 7.19 23.09 1.35
C GLU A 244 7.53 21.98 0.35
N VAL A 245 6.88 20.81 0.51
CA VAL A 245 7.14 19.69 -0.35
C VAL A 245 6.67 20.02 -1.76
N LEU A 246 5.44 20.50 -1.86
CA LEU A 246 4.82 20.90 -3.13
C LEU A 246 5.72 21.87 -3.90
N GLU A 247 6.22 22.92 -3.24
CA GLU A 247 7.10 23.92 -3.87
C GLU A 247 8.45 23.28 -4.22
N PHE A 248 9.00 22.49 -3.29
CA PHE A 248 10.27 21.78 -3.51
C PHE A 248 10.18 20.88 -4.76
N VAL A 249 9.14 20.03 -4.80
CA VAL A 249 9.01 19.01 -5.86
C VAL A 249 8.73 19.68 -7.22
N THR A 250 7.89 20.72 -7.22
CA THR A 250 7.58 21.48 -8.43
C THR A 250 8.85 22.11 -9.03
N SER A 251 9.74 22.59 -8.18
CA SER A 251 10.96 23.26 -8.59
CA SER A 251 10.96 23.27 -8.60
C SER A 251 12.06 22.26 -8.98
N GLY A 252 11.76 20.96 -8.94
CA GLY A 252 12.66 19.88 -9.33
C GLY A 252 13.40 19.23 -8.16
N GLY A 253 13.11 19.63 -6.91
CA GLY A 253 13.72 18.99 -5.77
C GLY A 253 13.26 17.54 -5.61
N ARG A 254 14.19 16.67 -5.23
CA ARG A 254 13.91 15.27 -4.94
C ARG A 254 14.63 14.89 -3.65
N MET A 255 14.12 13.85 -2.98
CA MET A 255 14.77 13.33 -1.78
C MET A 255 16.18 12.79 -2.12
N ASP A 256 17.06 12.96 -1.14
CA ASP A 256 18.35 12.34 -1.08
C ASP A 256 18.19 10.82 -0.90
N PRO A 257 19.21 10.02 -1.19
CA PRO A 257 19.13 8.58 -0.97
C PRO A 257 18.97 8.31 0.52
N PRO A 258 18.19 7.30 0.94
CA PRO A 258 18.18 6.90 2.34
C PRO A 258 19.60 6.45 2.75
N LYS A 259 19.84 6.41 4.05
CA LYS A 259 21.11 5.97 4.63
C LYS A 259 21.48 4.58 4.11
N ASN A 260 22.68 4.47 3.52
CA ASN A 260 23.29 3.22 3.05
C ASN A 260 22.54 2.67 1.83
N CYS A 261 21.69 3.47 1.18
CA CYS A 261 20.87 3.00 0.09
C CYS A 261 21.78 2.69 -1.11
N PRO A 262 21.77 1.48 -1.69
CA PRO A 262 22.57 1.25 -2.89
C PRO A 262 22.13 2.15 -4.05
N GLY A 263 23.11 2.56 -4.85
CA GLY A 263 22.92 3.38 -6.02
C GLY A 263 21.87 2.83 -6.98
N PRO A 264 21.87 1.52 -7.29
CA PRO A 264 20.88 0.97 -8.21
C PRO A 264 19.44 1.14 -7.70
N VAL A 265 19.25 1.09 -6.38
CA VAL A 265 17.95 1.25 -5.78
C VAL A 265 17.53 2.72 -5.87
N TYR A 266 18.47 3.61 -5.55
CA TYR A 266 18.15 5.03 -5.61
C TYR A 266 17.81 5.42 -7.05
N ARG A 267 18.48 4.81 -8.04
CA ARG A 267 18.21 5.14 -9.42
C ARG A 267 16.77 4.79 -9.79
N ILE A 268 16.21 3.72 -9.24
CA ILE A 268 14.80 3.38 -9.47
C ILE A 268 13.92 4.51 -8.93
N MET A 269 14.22 4.97 -7.73
CA MET A 269 13.46 6.09 -7.14
C MET A 269 13.49 7.30 -8.08
N THR A 270 14.68 7.67 -8.58
CA THR A 270 14.81 8.95 -9.29
C THR A 270 14.11 8.82 -10.67
N GLN A 271 13.99 7.60 -11.18
CA GLN A 271 13.28 7.38 -12.46
C GLN A 271 11.77 7.48 -12.22
N CYS A 272 11.29 6.94 -11.09
CA CYS A 272 9.89 7.05 -10.68
C CYS A 272 9.46 8.52 -10.52
N TRP A 273 10.43 9.39 -10.17
CA TRP A 273 10.17 10.80 -9.87
C TRP A 273 10.50 11.74 -11.04
N GLN A 274 10.56 11.22 -12.27
CA GLN A 274 10.68 12.09 -13.44
C GLN A 274 9.49 13.07 -13.48
N HIS A 275 9.79 14.35 -13.77
CA HIS A 275 8.77 15.38 -13.83
C HIS A 275 7.68 15.00 -14.83
N GLN A 276 8.07 14.59 -16.03
CA GLN A 276 7.14 14.20 -17.10
C GLN A 276 6.65 12.77 -16.89
N PRO A 277 5.33 12.54 -16.83
CA PRO A 277 4.80 11.19 -16.62
C PRO A 277 5.33 10.19 -17.66
N GLU A 278 5.51 10.66 -18.89
CA GLU A 278 5.97 9.86 -20.05
C GLU A 278 7.38 9.32 -19.81
N ASP A 279 8.17 10.00 -18.99
CA ASP A 279 9.57 9.62 -18.73
C ASP A 279 9.68 8.64 -17.54
N ARG A 280 8.60 8.45 -16.79
CA ARG A 280 8.62 7.49 -15.70
C ARG A 280 8.37 6.09 -16.25
N PRO A 281 8.98 5.05 -15.66
CA PRO A 281 8.72 3.69 -16.09
C PRO A 281 7.33 3.20 -15.66
N ASN A 282 6.80 2.24 -16.43
CA ASN A 282 5.64 1.47 -16.02
C ASN A 282 6.07 0.39 -15.02
N PHE A 283 5.12 -0.37 -14.47
CA PHE A 283 5.45 -1.30 -13.41
C PHE A 283 6.20 -2.52 -13.93
N ALA A 284 5.99 -2.88 -15.20
CA ALA A 284 6.74 -3.99 -15.76
C ALA A 284 8.24 -3.64 -15.69
N ILE A 285 8.59 -2.40 -16.02
CA ILE A 285 9.98 -1.95 -16.03
C ILE A 285 10.50 -1.85 -14.58
N ILE A 286 9.68 -1.30 -13.68
CA ILE A 286 10.10 -1.18 -12.28
C ILE A 286 10.45 -2.58 -11.76
N LEU A 287 9.56 -3.54 -12.01
CA LEU A 287 9.77 -4.93 -11.58
C LEU A 287 11.10 -5.47 -12.10
N GLU A 288 11.38 -5.26 -13.39
CA GLU A 288 12.64 -5.75 -13.98
C GLU A 288 13.84 -5.16 -13.23
N ARG A 289 13.77 -3.85 -12.94
CA ARG A 289 14.89 -3.13 -12.32
C ARG A 289 15.06 -3.63 -10.89
N ILE A 290 13.95 -3.88 -10.20
CA ILE A 290 14.04 -4.44 -8.84
C ILE A 290 14.71 -5.81 -8.89
N GLU A 291 14.32 -6.64 -9.87
CA GLU A 291 14.86 -8.02 -9.98
C GLU A 291 16.37 -7.97 -10.27
N TYR A 292 16.82 -7.02 -11.10
CA TYR A 292 18.24 -6.82 -11.38
C TYR A 292 19.01 -6.43 -10.10
N CYS A 293 18.43 -5.55 -9.27
CA CYS A 293 19.04 -5.18 -7.99
C CYS A 293 19.19 -6.40 -7.07
N THR A 294 18.17 -7.25 -7.04
CA THR A 294 18.10 -8.46 -6.22
C THR A 294 19.20 -9.45 -6.64
N GLN A 295 19.60 -9.42 -7.91
CA GLN A 295 20.64 -10.29 -8.47
C GLN A 295 22.06 -9.78 -8.19
N ASP A 296 22.22 -8.48 -7.90
CA ASP A 296 23.52 -7.86 -7.79
C ASP A 296 24.08 -8.08 -6.38
N PRO A 297 25.16 -8.85 -6.21
CA PRO A 297 25.74 -9.08 -4.87
C PRO A 297 26.10 -7.78 -4.13
N ASP A 298 26.57 -6.77 -4.85
CA ASP A 298 26.96 -5.47 -4.30
C ASP A 298 25.76 -4.79 -3.64
N VAL A 299 24.56 -5.01 -4.17
CA VAL A 299 23.40 -4.44 -3.59
C VAL A 299 23.04 -5.24 -2.35
N ILE A 300 22.94 -6.57 -2.49
CA ILE A 300 22.31 -7.34 -1.41
C ILE A 300 23.30 -7.59 -0.27
N ASN A 301 24.59 -7.34 -0.48
CA ASN A 301 25.57 -7.48 0.59
C ASN A 301 25.78 -6.13 1.31
N THR A 302 25.07 -5.08 0.92
CA THR A 302 25.11 -3.82 1.64
C THR A 302 24.41 -3.94 3.01
N ALA A 303 25.14 -3.57 4.07
CA ALA A 303 24.61 -3.55 5.42
C ALA A 303 23.62 -2.39 5.60
N LEU A 304 22.52 -2.68 6.29
CA LEU A 304 21.58 -1.69 6.70
C LEU A 304 22.17 -0.96 7.90
N PRO A 305 21.85 0.34 8.11
CA PRO A 305 22.34 1.06 9.28
C PRO A 305 21.75 0.46 10.58
N ILE A 306 22.58 0.42 11.63
CA ILE A 306 22.18 0.03 12.97
C ILE A 306 21.82 1.31 13.73
N GLU A 307 20.57 1.40 14.21
CA GLU A 307 20.07 2.59 14.92
C GLU A 307 20.59 2.61 16.37
C1 6GY B . -5.78 -5.65 7.56
C2 6GY B . -5.32 -4.76 8.50
C3 6GY B . -5.07 0.95 6.56
C4 6GY B . -4.18 -6.50 9.51
C6 6GY B . -5.41 -6.97 7.67
C9 6GY B . -2.40 -4.87 11.47
C10 6GY B . -1.63 -4.25 12.43
C11 6GY B . -1.04 -5.00 13.44
C12 6GY B . -1.23 -6.36 13.46
C13 6GY B . -2.00 -6.97 12.49
O14 6GY B . -2.23 -8.34 12.47
C15 6GY B . -1.85 -8.89 13.73
C18 6GY B . 1.97 -3.58 15.21
C26 6GY B . 2.75 -0.58 19.02
N3 6GY B . -4.52 -5.21 9.49
N5 6GY B . -4.60 -7.42 8.63
N7 6GY B . -3.37 -6.96 10.56
C8 6GY B . -2.60 -6.23 11.49
N16 6GY B . -0.24 -4.38 14.42
C17 6GY B . 1.05 -3.86 14.03
C19 6GY B . 1.24 -2.75 16.26
C20 6GY B . -0.01 -3.48 16.72
C21 6GY B . -0.94 -3.76 15.56
N22 6GY B . 2.16 -2.30 17.35
C23 6GY B . 2.75 -3.38 18.19
C24 6GY B . 3.81 -2.82 19.12
N25 6GY B . 3.25 -1.68 19.88
C27 6GY B . 1.67 -1.11 18.10
C28 6GY B . 4.15 -1.22 20.96
N29 6GY B . -5.69 -3.40 8.42
C30 6GY B . -5.08 -2.35 9.16
C31 6GY B . -4.70 -1.15 8.55
C32 6GY B . -4.11 -0.17 9.32
C33 6GY B . -3.89 -0.34 10.66
C34 6GY B . -4.28 -1.53 11.27
C35 6GY B . -4.86 -2.51 10.51
P1 6GY B . -4.94 -0.85 6.83
C37 6GY B . -3.41 -1.19 5.93
O41 6GY B . -6.15 -1.55 6.25
CL 6GY B . -6.82 -5.16 6.28
#